data_8CZH
#
_entry.id   8CZH
#
_cell.length_a   102.130
_cell.length_b   41.040
_cell.length_c   47.020
_cell.angle_alpha   90.000
_cell.angle_beta   93.640
_cell.angle_gamma   90.000
#
_symmetry.space_group_name_H-M   'C 1 2 1'
#
loop_
_entity.id
_entity.type
_entity.pdbx_description
1 polymer 'Bcl-2 homologous antagonist/killer'
2 polymer 'DM2 peptide'
3 water water
#
loop_
_entity_poly.entity_id
_entity_poly.type
_entity_poly.pdbx_seq_one_letter_code
_entity_poly.pdbx_strand_id
1 'polypeptide(L)'
;GPLGSMSEEQVAQDTEEVFRSYVFYRHQQEQEAEGVAAPADPEMVTLPLQPSSTMGQVGRQLAIIGDDINRRYDSEFQTM
LQHLQPTAENAYEYFTKIATSLFESGINWGRVVALLGFGYRLALHVYQHGLTGFLGQVTRFVVDFMLHHSIARWIAQRGG
WVAALNLGNG
;
A
2 'polypeptide(L)' (ACE)APYLEQVARTLRKIGEEINEALR(NH2) B
#
loop_
_chem_comp.id
_chem_comp.type
_chem_comp.name
_chem_comp.formula
ACE non-polymer 'ACETYL GROUP' 'C2 H4 O'
NH2 non-polymer 'AMINO GROUP' 'H2 N'
#
# COMPACT_ATOMS: atom_id res chain seq x y z
N GLY A 4 -24.20 -14.26 1.86
CA GLY A 4 -23.58 -13.27 1.00
C GLY A 4 -22.10 -13.05 1.28
N SER A 5 -21.44 -12.25 0.45
CA SER A 5 -20.05 -11.92 0.72
C SER A 5 -19.93 -11.03 1.96
N MET A 6 -18.73 -10.95 2.47
CA MET A 6 -18.46 -10.02 3.53
C MET A 6 -18.70 -8.63 2.96
N SER A 7 -18.96 -7.71 3.86
CA SER A 7 -19.25 -6.33 3.46
C SER A 7 -18.00 -5.58 3.03
N GLU A 8 -18.22 -4.54 2.22
CA GLU A 8 -17.14 -3.61 1.92
C GLU A 8 -16.66 -2.93 3.17
N GLU A 9 -17.55 -2.66 4.13
CA GLU A 9 -17.13 -2.12 5.42
C GLU A 9 -16.16 -3.05 6.15
N GLN A 10 -16.45 -4.36 6.14
CA GLN A 10 -15.52 -5.32 6.76
C GLN A 10 -14.17 -5.28 6.06
N VAL A 11 -14.18 -5.23 4.73
CA VAL A 11 -12.93 -5.14 4.00
C VAL A 11 -12.17 -3.87 4.34
N ALA A 12 -12.87 -2.77 4.56
CA ALA A 12 -12.17 -1.53 4.90
C ALA A 12 -11.51 -1.67 6.21
N GLN A 13 -12.17 -2.29 7.20
CA GLN A 13 -11.54 -2.57 8.51
C GLN A 13 -10.35 -3.47 8.30
N ASP A 14 -10.54 -4.57 7.58
CA ASP A 14 -9.44 -5.49 7.32
C ASP A 14 -8.25 -4.76 6.67
N THR A 15 -8.52 -3.88 5.73
CA THR A 15 -7.44 -3.21 5.00
C THR A 15 -6.61 -2.38 5.95
N GLU A 16 -7.25 -1.72 6.90
CA GLU A 16 -6.48 -0.92 7.89
C GLU A 16 -5.46 -1.81 8.60
N GLU A 17 -5.88 -3.03 8.97
CA GLU A 17 -4.96 -3.96 9.65
C GLU A 17 -3.88 -4.48 8.69
N VAL A 18 -4.25 -4.91 7.48
CA VAL A 18 -3.26 -5.39 6.52
C VAL A 18 -2.26 -4.30 6.25
N PHE A 19 -2.69 -3.09 6.01
CA PHE A 19 -1.76 -2.00 5.67
C PHE A 19 -0.82 -1.74 6.83
N ARG A 20 -1.37 -1.57 8.04
CA ARG A 20 -0.52 -1.22 9.17
C ARG A 20 0.45 -2.32 9.48
N SER A 21 0.04 -3.56 9.44
CA SER A 21 0.96 -4.65 9.60
C SER A 21 2.04 -4.68 8.50
N TYR A 22 1.61 -4.57 7.25
CA TYR A 22 2.53 -4.49 6.11
C TYR A 22 3.62 -3.41 6.34
N VAL A 23 3.21 -2.22 6.75
CA VAL A 23 4.18 -1.15 6.96
C VAL A 23 5.21 -1.50 8.01
N PHE A 24 4.76 -2.03 9.13
CA PHE A 24 5.67 -2.44 10.20
C PHE A 24 6.63 -3.48 9.70
N TYR A 25 6.13 -4.58 9.15
CA TYR A 25 7.02 -5.64 8.77
C TYR A 25 7.90 -5.28 7.58
N ARG A 26 7.38 -4.51 6.67
CA ARG A 26 8.24 -3.99 5.58
C ARG A 26 9.39 -3.14 6.10
N HIS A 27 9.11 -2.28 7.07
CA HIS A 27 10.21 -1.45 7.58
C HIS A 27 11.29 -2.32 8.20
N GLN A 28 10.88 -3.32 8.96
CA GLN A 28 11.84 -4.15 9.66
C GLN A 28 12.70 -4.93 8.67
N GLN A 29 12.11 -5.41 7.59
CA GLN A 29 12.97 -6.17 6.70
C GLN A 29 13.84 -5.28 5.82
N GLU A 30 13.50 -4.01 5.70
CA GLU A 30 14.37 -3.07 4.99
C GLU A 30 15.49 -2.57 5.86
N GLN A 31 15.40 -2.82 7.15
CA GLN A 31 16.52 -2.64 8.03
C GLN A 31 17.56 -3.69 7.74
N PRO A 39 14.61 6.57 9.47
CA PRO A 39 14.03 6.39 10.82
C PRO A 39 12.65 5.86 10.65
N ALA A 40 12.23 4.87 11.48
CA ALA A 40 10.83 4.47 11.52
C ALA A 40 9.97 5.54 12.19
N ASP A 41 8.86 5.85 11.59
CA ASP A 41 7.89 6.70 12.28
C ASP A 41 7.45 5.87 13.49
N PRO A 42 7.46 6.46 14.68
CA PRO A 42 7.03 5.70 15.87
C PRO A 42 5.61 5.19 15.77
N GLU A 43 4.71 5.89 15.07
CA GLU A 43 3.33 5.37 14.93
C GLU A 43 3.28 3.99 14.32
N MET A 44 4.28 3.61 13.54
CA MET A 44 4.21 2.31 12.93
C MET A 44 4.12 1.14 13.90
N VAL A 45 4.52 1.29 15.13
CA VAL A 45 4.37 0.21 16.11
C VAL A 45 2.99 0.21 16.73
N THR A 46 2.07 1.06 16.29
CA THR A 46 0.69 0.97 16.73
C THR A 46 -0.16 0.37 15.60
N LEU A 47 -0.75 -0.77 15.87
CA LEU A 47 -1.60 -1.48 14.95
C LEU A 47 -3.02 -1.46 15.44
N PRO A 48 -3.99 -1.68 14.57
CA PRO A 48 -5.38 -1.70 15.03
C PRO A 48 -5.68 -2.90 15.91
N LEU A 49 -5.00 -4.02 15.68
CA LEU A 49 -5.30 -5.26 16.36
C LEU A 49 -3.96 -5.91 16.63
N GLN A 50 -3.95 -7.00 17.34
CA GLN A 50 -2.68 -7.67 17.59
C GLN A 50 -2.07 -8.16 16.27
N PRO A 51 -0.73 -8.17 16.16
CA PRO A 51 -0.09 -8.52 14.89
C PRO A 51 -0.29 -10.00 14.50
N SER A 52 -0.62 -10.87 15.41
CA SER A 52 -0.84 -12.27 15.15
C SER A 52 -2.24 -12.50 14.66
N SER A 53 -3.09 -11.48 14.54
CA SER A 53 -4.40 -11.68 13.95
C SER A 53 -4.29 -12.04 12.49
N THR A 54 -5.39 -12.56 11.98
CA THR A 54 -5.36 -13.03 10.60
C THR A 54 -4.85 -11.96 9.64
N MET A 55 -5.41 -10.75 9.73
CA MET A 55 -5.03 -9.66 8.83
C MET A 55 -3.61 -9.20 9.14
N GLY A 56 -3.17 -9.26 10.39
CA GLY A 56 -1.78 -9.03 10.72
C GLY A 56 -0.87 -9.98 9.99
N GLN A 57 -1.23 -11.26 9.94
CA GLN A 57 -0.43 -12.26 9.25
CA GLN A 57 -0.42 -12.25 9.24
C GLN A 57 -0.40 -12.00 7.75
N VAL A 58 -1.54 -11.62 7.18
CA VAL A 58 -1.56 -11.34 5.74
C VAL A 58 -0.62 -10.17 5.46
N GLY A 59 -0.75 -9.08 6.21
CA GLY A 59 0.16 -7.94 5.98
C GLY A 59 1.62 -8.35 6.05
N ARG A 60 1.99 -9.19 7.04
CA ARG A 60 3.35 -9.64 7.20
C ARG A 60 3.79 -10.43 5.98
N GLN A 61 2.92 -11.35 5.51
CA GLN A 61 3.32 -12.19 4.38
C GLN A 61 3.47 -11.36 3.12
N LEU A 62 2.60 -10.38 2.91
CA LEU A 62 2.70 -9.55 1.72
C LEU A 62 3.98 -8.71 1.77
N ALA A 63 4.38 -8.24 2.93
CA ALA A 63 5.66 -7.50 2.99
C ALA A 63 6.83 -8.42 2.64
N ILE A 64 6.78 -9.69 3.10
CA ILE A 64 7.84 -10.65 2.81
C ILE A 64 7.89 -10.95 1.33
N ILE A 65 6.74 -11.22 0.74
CA ILE A 65 6.70 -11.66 -0.66
C ILE A 65 7.26 -10.58 -1.57
N GLY A 66 6.98 -9.34 -1.27
CA GLY A 66 7.42 -8.19 -2.07
C GLY A 66 8.86 -7.74 -1.89
N ASP A 67 9.58 -8.22 -0.87
CA ASP A 67 10.87 -7.66 -0.47
C ASP A 67 11.82 -7.51 -1.63
N ASP A 68 12.08 -8.60 -2.35
CA ASP A 68 13.04 -8.55 -3.44
C ASP A 68 12.59 -7.59 -4.56
N ILE A 69 11.31 -7.63 -4.92
CA ILE A 69 10.81 -6.74 -5.99
C ILE A 69 10.96 -5.29 -5.57
N ASN A 70 10.53 -4.97 -4.36
CA ASN A 70 10.68 -3.61 -3.87
C ASN A 70 12.13 -3.12 -3.87
N ARG A 71 13.06 -3.96 -3.43
CA ARG A 71 14.46 -3.53 -3.39
C ARG A 71 14.95 -3.23 -4.79
N ARG A 72 14.35 -3.83 -5.81
CA ARG A 72 14.83 -3.61 -7.17
C ARG A 72 14.40 -2.27 -7.74
N TYR A 73 13.32 -1.68 -7.22
CA TYR A 73 12.79 -0.38 -7.64
C TYR A 73 13.14 0.76 -6.68
N ASP A 74 13.96 0.50 -5.65
CA ASP A 74 14.21 1.51 -4.62
C ASP A 74 14.87 2.77 -5.18
N SER A 75 15.98 2.62 -5.92
CA SER A 75 16.69 3.78 -6.44
C SER A 75 15.76 4.65 -7.27
N GLU A 76 15.04 4.01 -8.22
CA GLU A 76 14.07 4.71 -9.06
C GLU A 76 13.03 5.44 -8.21
N PHE A 77 12.42 4.74 -7.28
CA PHE A 77 11.37 5.38 -6.48
C PHE A 77 11.91 6.51 -5.62
N GLN A 78 13.05 6.30 -4.98
CA GLN A 78 13.62 7.36 -4.18
C GLN A 78 13.85 8.59 -5.03
N THR A 79 14.43 8.41 -6.22
CA THR A 79 14.65 9.54 -7.13
C THR A 79 13.34 10.25 -7.45
N MET A 80 12.29 9.49 -7.81
CA MET A 80 11.01 10.11 -8.16
C MET A 80 10.39 10.86 -6.99
N LEU A 81 10.45 10.29 -5.77
CA LEU A 81 9.91 11.02 -4.62
C LEU A 81 10.75 12.22 -4.26
N GLN A 82 12.04 12.18 -4.50
CA GLN A 82 12.83 13.37 -4.23
C GLN A 82 12.37 14.52 -5.13
N HIS A 83 12.04 14.23 -6.39
CA HIS A 83 11.55 15.28 -7.28
C HIS A 83 10.16 15.77 -6.89
N LEU A 84 9.27 14.87 -6.46
CA LEU A 84 7.91 15.27 -6.15
C LEU A 84 7.79 15.97 -4.82
N GLN A 85 8.63 15.60 -3.86
CA GLN A 85 8.65 16.27 -2.58
C GLN A 85 7.27 16.16 -1.95
N PRO A 86 6.75 14.98 -1.67
CA PRO A 86 5.47 14.88 -0.98
C PRO A 86 5.57 15.43 0.45
N THR A 87 4.51 16.14 0.86
CA THR A 87 4.41 16.67 2.20
C THR A 87 2.98 16.48 2.61
N ALA A 88 2.65 16.81 3.87
CA ALA A 88 1.24 16.74 4.26
C ALA A 88 0.37 17.64 3.40
N GLU A 89 0.94 18.71 2.86
CA GLU A 89 0.14 19.67 2.11
C GLU A 89 -0.21 19.12 0.73
N ASN A 90 0.58 18.28 0.08
CA ASN A 90 0.23 17.76 -1.25
C ASN A 90 -0.08 16.28 -1.28
N ALA A 91 0.00 15.58 -0.17
CA ALA A 91 -0.02 14.14 -0.23
C ALA A 91 -1.35 13.61 -0.75
N TYR A 92 -2.49 14.23 -0.40
CA TYR A 92 -3.76 13.64 -0.84
C TYR A 92 -3.87 13.77 -2.37
N GLU A 93 -3.54 14.94 -2.92
CA GLU A 93 -3.52 15.10 -4.37
C GLU A 93 -2.60 14.10 -5.03
N TYR A 94 -1.37 13.97 -4.52
CA TYR A 94 -0.44 13.08 -5.20
C TYR A 94 -0.92 11.64 -5.07
N PHE A 95 -1.38 11.24 -3.87
CA PHE A 95 -1.83 9.87 -3.66
C PHE A 95 -2.99 9.58 -4.60
N THR A 96 -3.95 10.50 -4.69
CA THR A 96 -5.17 10.27 -5.47
C THR A 96 -4.81 10.10 -6.93
N LYS A 97 -3.98 10.98 -7.46
CA LYS A 97 -3.64 10.94 -8.87
C LYS A 97 -2.90 9.68 -9.23
N ILE A 98 -1.91 9.31 -8.41
CA ILE A 98 -1.12 8.13 -8.66
C ILE A 98 -1.98 6.88 -8.56
N ALA A 99 -2.78 6.76 -7.50
CA ALA A 99 -3.56 5.56 -7.35
C ALA A 99 -4.58 5.43 -8.45
N THR A 100 -5.23 6.52 -8.82
CA THR A 100 -6.16 6.42 -9.94
C THR A 100 -5.46 5.90 -11.21
N SER A 101 -4.27 6.43 -11.52
CA SER A 101 -3.55 5.94 -12.67
C SER A 101 -3.15 4.47 -12.55
N LEU A 102 -2.80 4.01 -11.36
CA LEU A 102 -2.44 2.60 -11.16
C LEU A 102 -3.57 1.68 -11.55
N PHE A 103 -4.80 2.07 -11.20
CA PHE A 103 -5.98 1.21 -11.39
C PHE A 103 -6.81 1.56 -12.65
N GLU A 104 -6.34 2.45 -13.51
CA GLU A 104 -7.20 2.86 -14.61
C GLU A 104 -7.62 1.67 -15.45
N SER A 105 -6.71 0.72 -15.69
CA SER A 105 -6.97 -0.41 -16.57
C SER A 105 -7.71 -1.57 -15.89
N GLY A 106 -7.90 -1.53 -14.57
CA GLY A 106 -8.55 -2.62 -13.86
C GLY A 106 -7.85 -2.98 -12.58
N ILE A 107 -8.54 -3.84 -11.83
CA ILE A 107 -8.10 -4.30 -10.53
C ILE A 107 -7.47 -5.66 -10.70
N ASN A 108 -6.34 -5.87 -10.05
CA ASN A 108 -5.79 -7.21 -9.84
C ASN A 108 -4.99 -7.21 -8.54
N TRP A 109 -4.65 -8.38 -8.04
CA TRP A 109 -4.01 -8.49 -6.75
C TRP A 109 -2.70 -7.77 -6.72
N GLY A 110 -1.88 -7.95 -7.75
CA GLY A 110 -0.58 -7.28 -7.75
C GLY A 110 -0.68 -5.79 -7.59
N ARG A 111 -1.70 -5.19 -8.24
CA ARG A 111 -1.91 -3.75 -8.14
C ARG A 111 -2.40 -3.38 -6.76
N VAL A 112 -3.28 -4.21 -6.17
CA VAL A 112 -3.75 -3.93 -4.80
C VAL A 112 -2.60 -3.99 -3.81
N VAL A 113 -1.69 -4.93 -3.97
CA VAL A 113 -0.54 -5.00 -3.08
C VAL A 113 0.43 -3.86 -3.37
N ALA A 114 0.66 -3.52 -4.65
CA ALA A 114 1.46 -2.35 -4.98
C ALA A 114 0.97 -1.09 -4.32
N LEU A 115 -0.35 -0.92 -4.15
CA LEU A 115 -0.88 0.27 -3.50
C LEU A 115 -0.42 0.30 -2.05
N LEU A 116 -0.39 -0.85 -1.37
CA LEU A 116 0.14 -0.85 -0.01
C LEU A 116 1.57 -0.35 -0.01
N GLY A 117 2.37 -0.80 -0.97
CA GLY A 117 3.76 -0.37 -1.06
C GLY A 117 3.88 1.13 -1.31
N PHE A 118 3.04 1.68 -2.15
CA PHE A 118 3.00 3.12 -2.37
C PHE A 118 2.67 3.84 -1.09
N GLY A 119 1.69 3.38 -0.35
CA GLY A 119 1.36 3.98 0.94
C GLY A 119 2.54 3.96 1.88
N TYR A 120 3.26 2.86 1.91
CA TYR A 120 4.43 2.76 2.75
C TYR A 120 5.41 3.82 2.36
N ARG A 121 5.79 3.85 1.09
CA ARG A 121 6.77 4.80 0.64
C ARG A 121 6.34 6.23 0.86
N LEU A 122 5.08 6.55 0.64
CA LEU A 122 4.61 7.93 0.79
C LEU A 122 4.71 8.33 2.26
N ALA A 123 4.21 7.54 3.15
CA ALA A 123 4.27 7.84 4.56
C ALA A 123 5.70 7.99 5.03
N LEU A 124 6.60 7.10 4.62
CA LEU A 124 7.97 7.16 5.09
C LEU A 124 8.68 8.39 4.57
N HIS A 125 8.41 8.79 3.34
CA HIS A 125 9.00 9.97 2.80
C HIS A 125 8.54 11.23 3.56
N VAL A 126 7.24 11.39 3.78
CA VAL A 126 6.73 12.57 4.46
C VAL A 126 7.32 12.63 5.88
N TYR A 127 7.57 11.50 6.49
CA TYR A 127 8.18 11.45 7.82
C TYR A 127 9.67 11.77 7.74
N GLN A 128 10.42 11.02 6.95
CA GLN A 128 11.87 11.13 6.92
C GLN A 128 12.34 12.47 6.40
N HIS A 129 11.72 12.94 5.31
CA HIS A 129 12.07 14.14 4.59
C HIS A 129 11.19 15.33 4.94
N GLY A 130 9.89 15.08 5.10
CA GLY A 130 9.01 16.22 5.41
C GLY A 130 8.85 16.49 6.90
N LEU A 131 9.47 15.64 7.75
CA LEU A 131 9.47 15.83 9.20
C LEU A 131 8.08 15.73 9.82
N THR A 132 7.16 15.03 9.16
CA THR A 132 5.77 14.99 9.61
C THR A 132 5.31 13.55 9.68
N GLY A 133 4.74 13.15 10.83
CA GLY A 133 4.18 11.81 11.00
C GLY A 133 2.84 11.80 10.27
N PHE A 134 2.69 10.96 9.23
CA PHE A 134 1.53 11.04 8.36
C PHE A 134 0.96 9.65 8.13
N LEU A 135 1.31 8.66 8.97
CA LEU A 135 0.92 7.30 8.69
C LEU A 135 -0.57 7.07 8.89
N GLY A 136 -1.18 7.69 9.88
CA GLY A 136 -2.62 7.52 10.05
C GLY A 136 -3.37 8.11 8.87
N GLN A 137 -2.86 9.22 8.35
CA GLN A 137 -3.51 9.85 7.21
C GLN A 137 -3.35 9.03 5.96
N VAL A 138 -2.20 8.49 5.67
CA VAL A 138 -2.01 7.65 4.50
C VAL A 138 -2.88 6.37 4.62
N THR A 139 -3.00 5.84 5.85
CA THR A 139 -3.85 4.67 6.10
C THR A 139 -5.26 4.99 5.60
N ARG A 140 -5.81 6.13 5.98
CA ARG A 140 -7.13 6.53 5.55
C ARG A 140 -7.17 6.70 4.04
N PHE A 141 -6.16 7.32 3.43
CA PHE A 141 -6.15 7.44 1.98
C PHE A 141 -6.28 6.05 1.37
N VAL A 142 -5.48 5.11 1.77
CA VAL A 142 -5.50 3.75 1.18
C VAL A 142 -6.87 3.10 1.36
N VAL A 143 -7.42 3.13 2.58
CA VAL A 143 -8.71 2.49 2.86
C VAL A 143 -9.79 3.15 2.04
N ASP A 144 -9.80 4.50 2.03
CA ASP A 144 -10.88 5.21 1.39
C ASP A 144 -10.79 5.07 -0.10
N PHE A 145 -9.59 5.03 -0.65
CA PHE A 145 -9.45 4.85 -2.09
C PHE A 145 -10.00 3.49 -2.48
N MET A 146 -9.66 2.44 -1.76
CA MET A 146 -10.17 1.12 -2.07
C MET A 146 -11.68 1.07 -1.98
N LEU A 147 -12.27 1.67 -0.96
CA LEU A 147 -13.69 1.76 -0.80
C LEU A 147 -14.36 2.40 -2.01
N HIS A 148 -13.80 3.53 -2.48
CA HIS A 148 -14.52 4.36 -3.44
C HIS A 148 -14.25 3.98 -4.85
N HIS A 149 -13.27 3.12 -5.11
N HIS A 149 -13.27 3.14 -5.10
CA HIS A 149 -12.89 2.69 -6.45
CA HIS A 149 -12.94 2.71 -6.45
C HIS A 149 -13.20 1.21 -6.69
C HIS A 149 -13.10 1.20 -6.59
N SER A 150 -14.12 0.66 -5.92
CA SER A 150 -14.60 -0.71 -6.07
C SER A 150 -13.65 -1.77 -5.68
N ILE A 151 -12.49 -1.45 -5.13
CA ILE A 151 -11.48 -2.45 -4.75
C ILE A 151 -11.90 -3.18 -3.51
N ALA A 152 -12.50 -2.52 -2.52
CA ALA A 152 -12.97 -3.23 -1.33
C ALA A 152 -14.03 -4.26 -1.73
N ARG A 153 -14.91 -3.92 -2.69
CA ARG A 153 -15.95 -4.83 -3.11
C ARG A 153 -15.36 -5.99 -3.86
N TRP A 154 -14.42 -5.69 -4.75
CA TRP A 154 -13.72 -6.74 -5.51
C TRP A 154 -13.03 -7.72 -4.59
N ILE A 155 -12.39 -7.20 -3.57
CA ILE A 155 -11.76 -8.04 -2.54
C ILE A 155 -12.79 -8.86 -1.79
N ALA A 156 -13.86 -8.23 -1.30
CA ALA A 156 -14.89 -8.96 -0.56
C ALA A 156 -15.45 -10.12 -1.39
N GLN A 157 -15.68 -9.90 -2.67
CA GLN A 157 -16.28 -10.92 -3.55
C GLN A 157 -15.33 -12.04 -3.83
N ARG A 158 -14.06 -11.92 -3.49
CA ARG A 158 -13.05 -12.97 -3.59
C ARG A 158 -12.70 -13.54 -2.22
N GLY A 159 -13.50 -13.25 -1.17
CA GLY A 159 -13.31 -13.87 0.10
C GLY A 159 -12.40 -13.11 1.03
N GLY A 160 -12.08 -11.84 0.71
CA GLY A 160 -11.28 -11.02 1.56
C GLY A 160 -9.82 -11.13 1.23
N TRP A 161 -9.04 -10.40 2.04
CA TRP A 161 -7.60 -10.29 1.81
C TRP A 161 -6.83 -11.61 1.83
N VAL A 162 -7.34 -12.61 2.52
CA VAL A 162 -6.66 -13.92 2.52
C VAL A 162 -6.50 -14.46 1.09
N ALA A 163 -7.40 -14.07 0.18
CA ALA A 163 -7.28 -14.52 -1.20
C ALA A 163 -5.95 -14.21 -1.83
N ALA A 164 -5.33 -13.10 -1.44
CA ALA A 164 -4.09 -12.70 -2.09
C ALA A 164 -2.98 -13.72 -1.89
N LEU A 165 -3.04 -14.51 -0.77
CA LEU A 165 -2.02 -15.48 -0.48
C LEU A 165 -2.32 -16.87 -1.04
N ASN A 166 -3.40 -16.99 -1.79
CA ASN A 166 -3.89 -18.30 -2.19
C ASN A 166 -4.21 -18.32 -3.67
N LEU A 167 -3.38 -17.64 -4.48
CA LEU A 167 -3.52 -17.67 -5.97
C LEU A 167 -2.73 -18.75 -6.67
C ACE B 1 3.93 16.57 -11.09
O ACE B 1 4.70 15.64 -11.28
CH3 ACE B 1 4.04 17.38 -9.84
N ALA B 2 2.96 16.95 -11.94
CA ALA B 2 2.57 16.33 -13.23
C ALA B 2 3.39 15.15 -13.78
N PRO B 3 4.58 15.45 -14.31
CA PRO B 3 5.35 14.39 -14.97
C PRO B 3 5.81 13.33 -13.99
N TYR B 4 6.15 13.73 -12.77
CA TYR B 4 6.61 12.73 -11.81
C TYR B 4 5.47 11.86 -11.31
N LEU B 5 4.26 12.41 -11.16
CA LEU B 5 3.15 11.58 -10.72
C LEU B 5 2.91 10.43 -11.68
N GLU B 6 2.87 10.70 -13.00
CA GLU B 6 2.57 9.57 -13.87
C GLU B 6 3.71 8.58 -13.92
N GLN B 7 4.94 9.03 -13.72
CA GLN B 7 6.05 8.08 -13.65
C GLN B 7 5.97 7.20 -12.41
N VAL B 8 5.61 7.76 -11.25
CA VAL B 8 5.36 6.88 -10.09
C VAL B 8 4.27 5.86 -10.42
N ALA B 9 3.16 6.28 -11.06
CA ALA B 9 2.10 5.35 -11.40
C ALA B 9 2.59 4.25 -12.34
N ARG B 10 3.41 4.62 -13.33
CA ARG B 10 3.96 3.61 -14.25
C ARG B 10 4.83 2.62 -13.46
N THR B 11 5.66 3.14 -12.54
CA THR B 11 6.52 2.26 -11.75
C THR B 11 5.68 1.30 -10.91
N LEU B 12 4.60 1.81 -10.32
CA LEU B 12 3.71 0.95 -9.54
C LEU B 12 3.00 -0.08 -10.40
N ARG B 13 2.66 0.26 -11.63
CA ARG B 13 2.08 -0.74 -12.51
C ARG B 13 3.07 -1.86 -12.81
N LYS B 14 4.35 -1.50 -13.04
CA LYS B 14 5.39 -2.50 -13.26
C LYS B 14 5.56 -3.41 -12.03
N ILE B 15 5.66 -2.79 -10.86
CA ILE B 15 5.71 -3.54 -9.60
C ILE B 15 4.52 -4.45 -9.45
N GLY B 16 3.34 -3.94 -9.77
CA GLY B 16 2.12 -4.73 -9.71
C GLY B 16 2.20 -6.00 -10.54
N GLU B 17 2.65 -5.88 -11.78
CA GLU B 17 2.81 -7.04 -12.64
C GLU B 17 3.75 -8.05 -12.02
N GLU B 18 4.86 -7.58 -11.43
CA GLU B 18 5.83 -8.50 -10.84
C GLU B 18 5.25 -9.16 -9.60
N ILE B 19 4.52 -8.41 -8.78
CA ILE B 19 3.87 -8.99 -7.62
C ILE B 19 2.83 -10.04 -8.05
N ASN B 20 2.08 -9.78 -9.13
CA ASN B 20 1.11 -10.75 -9.56
C ASN B 20 1.77 -12.07 -9.86
N GLU B 21 2.95 -12.01 -10.50
CA GLU B 21 3.68 -13.24 -10.82
C GLU B 21 4.16 -13.92 -9.55
N ALA B 22 4.66 -13.15 -8.58
CA ALA B 22 5.15 -13.76 -7.35
C ALA B 22 4.02 -14.39 -6.55
N LEU B 23 2.84 -13.80 -6.55
CA LEU B 23 1.74 -14.37 -5.80
C LEU B 23 1.21 -15.64 -6.45
N ARG B 24 1.44 -15.83 -7.73
CA ARG B 24 0.98 -17.02 -8.45
C ARG B 24 2.11 -17.99 -8.66
N NH2 B 25 3.38 -18.02 -8.00
HN1 NH2 B 25 4.08 -17.99 -8.74
HN2 NH2 B 25 3.53 -18.56 -7.16
#